data_4M7Y
#
_entry.id   4M7Y
#
_cell.length_a   141.960
_cell.length_b   56.130
_cell.length_c   68.420
_cell.angle_alpha   90.000
_cell.angle_beta   101.170
_cell.angle_gamma   90.000
#
_symmetry.space_group_name_H-M   'C 1 2 1'
#
loop_
_entity.id
_entity.type
_entity.pdbx_description
1 polymer 'Type II pantothenate kinase'
2 non-polymer N~3~-[(2R)-2-hydroxy-3,3-dimethyl-4-(phosphonooxy)butanoyl]-N-pentyl-beta-alaninamide
3 non-polymer "ADENOSINE-5'-DIPHOSPHATE"
4 non-polymer 'PHOSPHATE ION'
5 non-polymer 'UNKNOWN ATOM OR ION'
6 water water
#
_entity_poly.entity_id   1
_entity_poly.type   'polypeptide(L)'
_entity_poly.pdbx_seq_one_letter_code
;MKVGIDAGGTLIKIVQEQDNQRTFKTELTKNIDQVVEWLNQQQIEKLCLTGGNAGVIAENINIPAQIFVEFDAASQGLGI
LLKEQGHDLADYIFANVGTGTSLHYFDGQSQRRVGGIGTGGGMIQGLGYLLSQITDYKQLTDMAQHGDRNTIDLKVRHIY
KDTEPPIPGDLTAANFGHVLHHLDADFTPSNKLAAVIGVVGEVVTTMAITVAREFKTENIVYIGSSFHNNALLRKVVEDY
TVLRGCKPYYVENGAFSGAIGALYLEKHHHHHH
;
_entity_poly.pdbx_strand_id   A,B
#
# COMPACT_ATOMS: atom_id res chain seq x y z
N MET A 1 7.48 34.83 24.29
CA MET A 1 7.29 33.39 23.88
C MET A 1 7.91 33.06 22.52
N LYS A 2 8.31 31.80 22.38
CA LYS A 2 8.82 31.25 21.13
C LYS A 2 7.75 30.35 20.52
N VAL A 3 7.58 30.43 19.19
CA VAL A 3 6.54 29.67 18.54
C VAL A 3 7.10 28.82 17.38
N GLY A 4 6.77 27.54 17.41
CA GLY A 4 7.07 26.62 16.34
C GLY A 4 5.77 26.15 15.69
N ILE A 5 5.72 26.15 14.37
CA ILE A 5 4.56 25.75 13.64
C ILE A 5 4.92 24.80 12.49
N ASP A 6 4.18 23.72 12.40
CA ASP A 6 4.25 22.79 11.29
C ASP A 6 2.89 22.87 10.60
N ALA A 7 2.86 23.61 9.51
CA ALA A 7 1.66 23.85 8.73
C ALA A 7 1.63 22.85 7.58
N GLY A 8 0.85 21.78 7.76
CA GLY A 8 0.82 20.68 6.78
C GLY A 8 -0.37 20.77 5.85
N GLY A 9 -0.64 19.66 5.15
CA GLY A 9 -1.72 19.58 4.21
C GLY A 9 -3.09 19.52 4.88
N THR A 10 -3.18 19.04 6.12
CA THR A 10 -4.50 18.99 6.83
C THR A 10 -4.54 19.77 8.15
N LEU A 11 -3.50 19.64 8.96
CA LEU A 11 -3.46 20.31 10.25
C LEU A 11 -2.28 21.26 10.40
N ILE A 12 -2.52 22.33 11.17
CA ILE A 12 -1.50 23.28 11.59
C ILE A 12 -1.22 22.97 13.07
N LYS A 13 -0.03 22.45 13.32
CA LYS A 13 0.41 22.13 14.64
C LYS A 13 1.21 23.30 15.20
N ILE A 14 0.84 23.75 16.39
CA ILE A 14 1.45 24.91 16.98
C ILE A 14 1.99 24.58 18.35
N VAL A 15 3.28 24.88 18.53
CA VAL A 15 3.95 24.73 19.82
CA VAL A 15 3.90 24.74 19.84
C VAL A 15 4.36 26.10 20.35
N GLN A 16 3.94 26.42 21.58
CA GLN A 16 4.33 27.64 22.24
C GLN A 16 5.22 27.28 23.40
N GLU A 17 6.34 27.97 23.49
CA GLU A 17 7.32 27.69 24.51
C GLU A 17 7.52 28.97 25.33
N GLN A 18 7.24 28.88 26.62
CA GLN A 18 7.51 29.97 27.56
C GLN A 18 7.86 29.39 28.94
N ASP A 19 8.98 29.83 29.52
CA ASP A 19 9.48 29.34 30.84
C ASP A 19 9.87 27.84 30.84
N ASN A 20 10.44 27.37 29.73
CA ASN A 20 10.75 25.94 29.53
C ASN A 20 9.52 25.04 29.66
N GLN A 21 8.34 25.57 29.31
CA GLN A 21 7.10 24.80 29.28
C GLN A 21 6.43 24.95 27.90
N ARG A 22 6.06 23.82 27.29
CA ARG A 22 5.46 23.81 25.99
C ARG A 22 3.95 23.74 26.08
N THR A 23 3.28 24.44 25.17
CA THR A 23 1.84 24.35 25.01
C THR A 23 1.59 23.87 23.59
N PHE A 24 0.68 22.92 23.43
CA PHE A 24 0.40 22.34 22.11
C PHE A 24 -0.99 22.77 21.66
N LYS A 25 -1.15 23.09 20.38
CA LYS A 25 -2.46 23.47 19.82
C LYS A 25 -2.51 23.04 18.36
N THR A 26 -3.70 22.76 17.87
CA THR A 26 -3.88 22.42 16.46
C THR A 26 -5.01 23.22 15.88
N GLU A 27 -4.87 23.55 14.61
CA GLU A 27 -5.96 24.16 13.84
C GLU A 27 -5.97 23.50 12.49
N LEU A 28 -7.13 23.47 11.86
CA LEU A 28 -7.26 22.94 10.53
C LEU A 28 -6.53 23.86 9.56
N THR A 29 -5.87 23.26 8.57
CA THR A 29 -5.23 23.99 7.49
C THR A 29 -6.23 24.86 6.73
N LYS A 30 -7.48 24.39 6.65
CA LYS A 30 -8.62 25.18 6.13
C LYS A 30 -8.86 26.49 6.85
N ASN A 31 -8.46 26.58 8.13
CA ASN A 31 -8.56 27.81 8.91
C ASN A 31 -7.22 28.53 9.11
N ILE A 32 -6.33 28.40 8.13
CA ILE A 32 -5.00 29.05 8.16
C ILE A 32 -5.06 30.59 8.37
N ASP A 33 -6.14 31.24 7.90
CA ASP A 33 -6.34 32.68 8.12
C ASP A 33 -6.43 33.04 9.60
N GLN A 34 -7.09 32.18 10.39
CA GLN A 34 -7.23 32.43 11.81
C GLN A 34 -5.88 32.33 12.51
N VAL A 35 -5.03 31.41 12.05
CA VAL A 35 -3.70 31.24 12.62
C VAL A 35 -2.89 32.50 12.36
N VAL A 36 -2.95 32.98 11.11
CA VAL A 36 -2.27 34.21 10.71
C VAL A 36 -2.71 35.36 11.60
N GLU A 37 -4.03 35.51 11.76
CA GLU A 37 -4.60 36.62 12.55
C GLU A 37 -4.10 36.56 13.97
N TRP A 38 -4.09 35.37 14.54
CA TRP A 38 -3.61 35.14 15.91
C TRP A 38 -2.14 35.51 16.06
N LEU A 39 -1.29 35.05 15.13
CA LEU A 39 0.15 35.37 15.14
C LEU A 39 0.42 36.88 15.07
N ASN A 40 -0.36 37.60 14.26
CA ASN A 40 -0.23 39.05 14.16
C ASN A 40 -0.52 39.79 15.46
N GLN A 41 -1.18 39.13 16.41
CA GLN A 41 -1.53 39.73 17.69
C GLN A 41 -0.57 39.31 18.87
N GLN A 42 0.38 38.41 18.61
CA GLN A 42 1.26 37.87 19.68
C GLN A 42 2.54 38.67 19.87
N GLN A 43 3.11 38.61 21.09
CA GLN A 43 4.48 39.06 21.37
C GLN A 43 5.35 37.83 21.22
N ILE A 44 6.15 37.78 20.16
CA ILE A 44 6.90 36.57 19.81
C ILE A 44 8.39 36.89 19.70
N GLU A 45 9.21 36.05 20.34
CA GLU A 45 10.69 36.20 20.34
C GLU A 45 11.33 35.41 19.16
N LYS A 46 10.68 34.33 18.79
CA LYS A 46 11.15 33.45 17.75
C LYS A 46 9.94 32.77 17.12
N LEU A 47 9.88 32.82 15.79
CA LEU A 47 8.83 32.16 15.04
C LEU A 47 9.48 31.29 13.99
N CYS A 48 9.33 29.97 14.15
CA CYS A 48 9.92 28.98 13.26
C CYS A 48 8.84 28.15 12.62
N LEU A 49 8.85 28.10 11.29
CA LEU A 49 7.83 27.41 10.54
C LEU A 49 8.39 26.26 9.75
N THR A 50 7.55 25.26 9.54
CA THR A 50 7.86 24.18 8.62
C THR A 50 6.58 23.57 8.03
N GLY A 51 6.77 22.66 7.10
CA GLY A 51 5.67 21.95 6.42
C GLY A 51 5.18 22.70 5.19
N GLY A 52 4.29 22.06 4.46
CA GLY A 52 3.83 22.53 3.15
C GLY A 52 3.34 23.93 3.11
N ASN A 53 2.61 24.35 4.15
CA ASN A 53 1.98 25.67 4.18
C ASN A 53 2.72 26.70 5.06
N ALA A 54 3.99 26.45 5.36
CA ALA A 54 4.84 27.43 6.03
C ALA A 54 4.91 28.71 5.20
N GLY A 55 5.20 28.54 3.92
CA GLY A 55 5.27 29.67 2.98
C GLY A 55 4.05 30.57 3.05
N VAL A 56 2.87 29.97 3.00
CA VAL A 56 1.60 30.74 3.10
C VAL A 56 1.49 31.57 4.40
N ILE A 57 1.87 31.00 5.54
CA ILE A 57 1.82 31.74 6.82
C ILE A 57 2.81 32.93 6.79
N ALA A 58 4.04 32.65 6.36
CA ALA A 58 5.10 33.65 6.35
C ALA A 58 4.71 34.80 5.44
N GLU A 59 4.10 34.48 4.31
CA GLU A 59 3.66 35.52 3.35
C GLU A 59 2.57 36.39 3.95
N ASN A 60 1.66 35.80 4.72
CA ASN A 60 0.49 36.55 5.19
C ASN A 60 0.62 37.26 6.55
N ILE A 61 1.56 36.84 7.39
CA ILE A 61 1.80 37.52 8.70
C ILE A 61 2.56 38.83 8.54
N ASN A 62 2.46 39.68 9.56
CA ASN A 62 3.11 41.00 9.59
C ASN A 62 4.43 41.00 10.32
N ILE A 63 4.94 39.81 10.67
CA ILE A 63 6.19 39.68 11.41
C ILE A 63 7.13 38.67 10.75
N PRO A 64 8.44 38.78 11.03
CA PRO A 64 9.41 37.84 10.46
C PRO A 64 9.29 36.42 11.00
N ALA A 65 9.53 35.45 10.11
CA ALA A 65 9.50 34.04 10.43
C ALA A 65 10.74 33.36 9.85
N GLN A 66 11.16 32.25 10.45
CA GLN A 66 12.20 31.42 9.86
C GLN A 66 11.54 30.16 9.39
N ILE A 67 11.96 29.65 8.22
CA ILE A 67 11.36 28.43 7.65
C ILE A 67 12.42 27.35 7.56
N PHE A 68 12.03 26.15 7.93
CA PHE A 68 12.92 24.98 7.92
C PHE A 68 12.27 23.84 7.15
N VAL A 69 13.11 22.93 6.63
CA VAL A 69 12.62 21.77 5.87
C VAL A 69 12.05 20.74 6.84
N GLU A 70 10.87 20.24 6.54
CA GLU A 70 10.11 19.45 7.49
C GLU A 70 10.76 18.11 7.85
N PHE A 71 11.52 17.52 6.92
CA PHE A 71 12.18 16.26 7.19
C PHE A 71 13.21 16.40 8.33
N ASP A 72 14.09 17.39 8.25
CA ASP A 72 15.04 17.66 9.33
C ASP A 72 14.35 18.14 10.62
N ALA A 73 13.33 18.98 10.48
CA ALA A 73 12.58 19.47 11.63
C ALA A 73 11.93 18.34 12.39
N ALA A 74 11.24 17.45 11.66
CA ALA A 74 10.59 16.30 12.29
C ALA A 74 11.62 15.41 13.00
N SER A 75 12.77 15.16 12.34
CA SER A 75 13.84 14.35 12.94
C SER A 75 14.35 14.94 14.26
N GLN A 76 14.58 16.24 14.25
CA GLN A 76 15.11 16.94 15.41
C GLN A 76 14.15 16.91 16.58
N GLY A 77 12.89 17.19 16.29
CA GLY A 77 11.87 17.20 17.30
C GLY A 77 11.58 15.84 17.86
N LEU A 78 11.58 14.82 16.97
CA LEU A 78 11.36 13.45 17.42
C LEU A 78 12.47 13.01 18.33
N GLY A 79 13.70 13.38 17.99
CA GLY A 79 14.83 13.06 18.84
C GLY A 79 14.66 13.60 20.24
N ILE A 80 14.13 14.82 20.33
CA ILE A 80 13.88 15.48 21.62
C ILE A 80 12.79 14.72 22.42
N LEU A 81 11.69 14.46 21.76
CA LEU A 81 10.57 13.70 22.38
C LEU A 81 10.99 12.31 22.84
N LEU A 82 11.74 11.59 22.02
CA LEU A 82 12.22 10.23 22.44
C LEU A 82 13.00 10.28 23.73
N LYS A 83 13.97 11.19 23.83
CA LYS A 83 14.78 11.29 25.02
C LYS A 83 13.93 11.76 26.24
N GLU A 84 13.04 12.73 26.02
CA GLU A 84 12.14 13.18 27.09
C GLU A 84 11.27 12.04 27.64
N GLN A 85 10.95 11.07 26.78
CA GLN A 85 10.04 9.97 27.14
C GLN A 85 10.79 8.66 27.40
N GLY A 86 12.09 8.80 27.69
CA GLY A 86 12.87 7.69 28.21
C GLY A 86 13.38 6.67 27.18
N HIS A 87 13.45 7.06 25.92
CA HIS A 87 14.00 6.21 24.86
C HIS A 87 15.38 6.65 24.50
N ASP A 88 16.32 5.71 24.55
CA ASP A 88 17.68 5.89 24.08
C ASP A 88 17.90 4.89 22.92
N LEU A 89 17.45 5.29 21.73
CA LEU A 89 17.59 4.49 20.52
C LEU A 89 18.84 4.90 19.74
N ALA A 90 19.68 3.94 19.38
CA ALA A 90 20.89 4.23 18.60
C ALA A 90 20.58 4.60 17.14
N ASP A 91 19.49 4.04 16.63
CA ASP A 91 19.03 4.32 15.29
C ASP A 91 17.61 3.78 15.14
N TYR A 92 16.91 4.26 14.11
CA TYR A 92 15.54 3.86 13.87
C TYR A 92 15.06 4.32 12.53
N ILE A 93 14.05 3.62 12.04
CA ILE A 93 13.16 4.16 11.05
C ILE A 93 12.17 5.07 11.81
N PHE A 94 11.82 6.21 11.23
CA PHE A 94 10.58 6.83 11.64
C PHE A 94 9.68 7.02 10.44
N ALA A 95 8.42 6.67 10.68
CA ALA A 95 7.37 6.77 9.70
C ALA A 95 6.42 7.89 10.13
N ASN A 96 6.42 8.95 9.31
CA ASN A 96 5.60 10.12 9.52
C ASN A 96 4.31 9.98 8.73
N VAL A 97 3.25 9.57 9.44
CA VAL A 97 1.96 9.28 8.81
C VAL A 97 1.06 10.53 8.95
N GLY A 98 1.29 11.46 8.02
CA GLY A 98 0.54 12.73 7.93
C GLY A 98 -0.56 12.65 6.89
N THR A 99 -0.80 13.73 6.16
CA THR A 99 -1.78 13.63 5.10
C THR A 99 -1.35 12.44 4.21
N GLY A 100 -0.04 12.30 4.04
CA GLY A 100 0.56 11.14 3.41
C GLY A 100 1.73 10.67 4.24
N THR A 101 2.44 9.67 3.74
CA THR A 101 3.43 8.97 4.55
C THR A 101 4.84 9.10 3.99
N SER A 102 5.73 9.62 4.85
CA SER A 102 7.12 9.79 4.57
C SER A 102 7.96 8.94 5.53
N LEU A 103 8.91 8.18 4.98
CA LEU A 103 9.71 7.25 5.80
C LEU A 103 11.17 7.66 5.82
N HIS A 104 11.78 7.60 7.01
CA HIS A 104 13.12 8.08 7.24
C HIS A 104 13.94 7.12 8.02
N TYR A 105 15.22 7.05 7.71
CA TYR A 105 16.18 6.30 8.50
C TYR A 105 17.03 7.29 9.28
N PHE A 106 16.98 7.19 10.61
CA PHE A 106 17.85 8.00 11.50
C PHE A 106 18.98 7.12 11.99
N ASP A 107 20.22 7.48 11.65
CA ASP A 107 21.37 6.62 11.91
C ASP A 107 22.05 6.91 13.22
N GLY A 108 21.42 7.74 14.06
CA GLY A 108 22.06 8.19 15.32
C GLY A 108 22.61 9.61 15.22
N GLN A 109 22.89 10.07 13.99
CA GLN A 109 23.42 11.43 13.77
C GLN A 109 22.48 12.28 12.93
N SER A 110 21.98 11.73 11.82
CA SER A 110 21.01 12.47 11.01
C SER A 110 20.04 11.56 10.30
N GLN A 111 19.03 12.19 9.71
CA GLN A 111 17.98 11.49 8.96
C GLN A 111 18.24 11.51 7.45
N ARG A 112 17.82 10.46 6.76
CA ARG A 112 17.66 10.50 5.29
C ARG A 112 16.30 9.90 4.97
N ARG A 113 15.62 10.45 3.97
CA ARG A 113 14.34 9.89 3.52
C ARG A 113 14.64 8.61 2.75
N VAL A 114 13.91 7.54 3.08
CA VAL A 114 14.15 6.20 2.52
C VAL A 114 12.91 5.60 1.85
N GLY A 115 11.81 6.36 1.86
CA GLY A 115 10.55 5.85 1.39
C GLY A 115 9.40 6.85 1.57
N GLY A 116 8.35 6.64 0.79
CA GLY A 116 7.10 7.33 1.00
C GLY A 116 5.97 6.64 0.28
N ILE A 117 4.74 6.99 0.66
CA ILE A 117 3.57 6.38 0.05
C ILE A 117 2.32 7.22 0.36
N GLY A 118 1.37 7.23 -0.57
CA GLY A 118 0.12 7.99 -0.42
C GLY A 118 -0.94 7.39 0.50
N THR A 119 -0.63 6.23 1.12
CA THR A 119 -1.51 5.64 2.10
C THR A 119 -1.17 6.27 3.46
N GLY A 120 -2.10 7.09 3.95
CA GLY A 120 -1.90 7.88 5.15
C GLY A 120 -3.25 8.41 5.63
N GLY A 121 -3.20 9.45 6.47
CA GLY A 121 -4.41 10.15 6.94
C GLY A 121 -5.36 10.72 5.92
N GLY A 122 -4.82 11.24 4.81
CA GLY A 122 -5.66 11.74 3.78
C GLY A 122 -6.50 10.71 3.09
N MET A 123 -5.91 9.53 2.87
CA MET A 123 -6.67 8.38 2.38
C MET A 123 -7.73 7.88 3.33
N ILE A 124 -7.40 7.82 4.60
CA ILE A 124 -8.39 7.48 5.59
C ILE A 124 -9.62 8.41 5.51
N GLN A 125 -9.40 9.71 5.52
CA GLN A 125 -10.50 10.69 5.35
C GLN A 125 -11.20 10.58 3.99
N GLY A 126 -10.43 10.56 2.88
CA GLY A 126 -10.99 10.60 1.56
C GLY A 126 -11.70 9.33 1.13
N LEU A 127 -11.03 8.19 1.29
CA LEU A 127 -11.66 6.93 1.00
C LEU A 127 -12.77 6.59 2.04
N GLY A 128 -12.57 6.95 3.31
CA GLY A 128 -13.64 6.83 4.30
C GLY A 128 -14.89 7.59 3.89
N TYR A 129 -14.70 8.82 3.41
CA TYR A 129 -15.83 9.60 2.96
C TYR A 129 -16.57 8.91 1.80
N LEU A 130 -15.83 8.42 0.81
CA LEU A 130 -16.45 7.75 -0.32
C LEU A 130 -17.25 6.52 0.09
N LEU A 131 -16.80 5.81 1.12
CA LEU A 131 -17.47 4.60 1.55
C LEU A 131 -18.57 4.84 2.59
N SER A 132 -18.52 5.99 3.27
CA SER A 132 -19.43 6.25 4.42
C SER A 132 -20.21 7.56 4.33
N GLN A 133 -19.72 8.52 3.54
CA GLN A 133 -20.28 9.88 3.46
C GLN A 133 -20.05 10.71 4.75
N ILE A 134 -19.18 10.22 5.65
CA ILE A 134 -18.82 10.95 6.87
C ILE A 134 -17.63 11.87 6.58
N THR A 135 -17.80 13.19 6.81
CA THR A 135 -16.74 14.19 6.62
C THR A 135 -16.02 14.59 7.93
N ASP A 136 -16.71 14.45 9.06
CA ASP A 136 -16.11 14.85 10.34
C ASP A 136 -15.12 13.77 10.80
N TYR A 137 -13.88 14.18 11.07
CA TYR A 137 -12.78 13.25 11.32
C TYR A 137 -13.04 12.35 12.52
N LYS A 138 -13.50 12.96 13.62
CA LYS A 138 -13.72 12.23 14.85
C LYS A 138 -14.83 11.19 14.71
N GLN A 139 -15.92 11.55 14.02
CA GLN A 139 -17.03 10.61 13.80
CA GLN A 139 -17.03 10.64 13.81
C GLN A 139 -16.57 9.48 12.90
N LEU A 140 -15.80 9.83 11.87
CA LEU A 140 -15.30 8.85 10.89
C LEU A 140 -14.46 7.80 11.57
N THR A 141 -13.49 8.25 12.36
CA THR A 141 -12.59 7.33 13.01
C THR A 141 -13.27 6.57 14.12
N ASP A 142 -14.16 7.24 14.88
CA ASP A 142 -14.92 6.53 15.93
C ASP A 142 -15.75 5.41 15.30
N MET A 143 -16.34 5.69 14.15
CA MET A 143 -17.20 4.72 13.48
C MET A 143 -16.42 3.45 13.09
N ALA A 144 -15.13 3.60 12.77
CA ALA A 144 -14.30 2.47 12.36
C ALA A 144 -13.93 1.49 13.49
N GLN A 145 -13.94 1.94 14.76
CA GLN A 145 -13.18 1.27 15.80
C GLN A 145 -13.65 -0.12 16.10
N HIS A 146 -14.96 -0.36 15.98
CA HIS A 146 -15.52 -1.70 16.21
C HIS A 146 -16.09 -2.32 14.94
N GLY A 147 -15.57 -1.89 13.81
CA GLY A 147 -15.89 -2.53 12.56
C GLY A 147 -15.30 -3.94 12.52
N ASP A 148 -15.97 -4.81 11.77
CA ASP A 148 -15.54 -6.21 11.55
C ASP A 148 -15.11 -6.30 10.09
N ARG A 149 -13.86 -6.67 9.90
CA ARG A 149 -13.29 -6.79 8.56
C ARG A 149 -13.50 -8.15 7.88
N ASN A 150 -14.06 -9.14 8.60
CA ASN A 150 -14.11 -10.54 8.12
C ASN A 150 -14.87 -10.75 6.81
N THR A 151 -15.94 -9.95 6.55
CA THR A 151 -16.72 -10.10 5.30
C THR A 151 -16.11 -9.33 4.16
N ILE A 152 -15.06 -8.57 4.47
CA ILE A 152 -14.46 -7.65 3.52
C ILE A 152 -13.08 -8.09 3.06
N ASP A 153 -12.20 -8.43 4.02
CA ASP A 153 -10.82 -8.83 3.70
C ASP A 153 -10.65 -10.33 3.53
N LEU A 154 -9.78 -10.72 2.61
CA LEU A 154 -9.47 -12.11 2.37
C LEU A 154 -8.10 -12.41 3.04
N LYS A 155 -8.06 -13.44 3.86
CA LYS A 155 -6.84 -13.89 4.51
C LYS A 155 -6.18 -15.00 3.69
N VAL A 156 -4.90 -15.21 3.96
CA VAL A 156 -4.12 -16.28 3.28
C VAL A 156 -4.83 -17.61 3.41
N ARG A 157 -5.31 -17.94 4.61
CA ARG A 157 -5.99 -19.20 4.83
C ARG A 157 -7.27 -19.36 3.99
N HIS A 158 -7.91 -18.25 3.57
CA HIS A 158 -9.08 -18.33 2.69
C HIS A 158 -8.72 -18.74 1.28
N ILE A 159 -7.56 -18.31 0.82
CA ILE A 159 -7.05 -18.76 -0.47
C ILE A 159 -6.53 -20.19 -0.37
N TYR A 160 -5.73 -20.47 0.67
CA TYR A 160 -5.18 -21.80 0.93
C TYR A 160 -6.21 -22.63 1.73
N LYS A 161 -7.33 -22.87 1.07
N LYS A 161 -7.32 -22.95 1.07
CA LYS A 161 -8.40 -23.69 1.60
CA LYS A 161 -8.44 -23.65 1.71
C LYS A 161 -8.01 -25.14 1.39
C LYS A 161 -8.03 -24.99 2.40
N ASP A 162 -7.72 -25.84 2.48
N ASP A 162 -7.80 -26.00 1.58
CA ASP A 162 -7.38 -27.27 2.39
CA ASP A 162 -7.38 -27.30 2.11
C ASP A 162 -5.98 -27.50 1.78
C ASP A 162 -5.93 -27.55 1.75
N THR A 163 -5.09 -26.54 1.97
CA THR A 163 -3.70 -26.57 1.50
C THR A 163 -2.90 -25.78 2.55
N GLU A 164 -1.81 -26.34 3.06
CA GLU A 164 -0.92 -25.63 4.00
C GLU A 164 -0.28 -24.44 3.25
N PRO A 165 -0.49 -23.19 3.74
CA PRO A 165 0.11 -22.05 3.02
C PRO A 165 1.58 -21.85 3.32
N PRO A 166 2.29 -21.16 2.42
CA PRO A 166 3.73 -21.02 2.58
C PRO A 166 4.11 -19.85 3.45
N ILE A 167 3.11 -19.07 3.87
CA ILE A 167 3.29 -17.95 4.77
C ILE A 167 2.11 -18.04 5.75
N PRO A 168 2.12 -17.25 6.84
CA PRO A 168 1.04 -17.35 7.85
C PRO A 168 -0.39 -17.18 7.31
N GLY A 169 -1.24 -18.13 7.65
CA GLY A 169 -2.62 -18.15 7.15
C GLY A 169 -3.47 -16.98 7.64
N ASP A 170 -3.11 -16.39 8.76
CA ASP A 170 -3.90 -15.28 9.34
C ASP A 170 -3.63 -13.94 8.69
N LEU A 171 -2.55 -13.86 7.92
CA LEU A 171 -2.21 -12.65 7.21
C LEU A 171 -3.30 -12.28 6.28
N THR A 172 -3.53 -10.97 6.16
CA THR A 172 -4.34 -10.43 5.12
C THR A 172 -3.67 -10.74 3.75
N ALA A 173 -4.38 -11.45 2.90
CA ALA A 173 -3.87 -11.75 1.54
C ALA A 173 -4.33 -10.68 0.57
N ALA A 174 -5.58 -10.20 0.75
CA ALA A 174 -6.18 -9.21 -0.14
C ALA A 174 -7.18 -8.35 0.64
N ASN A 175 -6.85 -7.07 0.79
CA ASN A 175 -7.73 -6.07 1.37
C ASN A 175 -8.95 -5.91 0.47
N PHE A 176 -10.14 -5.95 1.05
CA PHE A 176 -11.40 -5.92 0.28
C PHE A 176 -11.64 -7.18 -0.60
N GLY A 177 -10.78 -8.19 -0.51
CA GLY A 177 -10.85 -9.34 -1.42
C GLY A 177 -11.93 -10.36 -1.10
N HIS A 178 -12.62 -10.17 0.01
CA HIS A 178 -13.70 -11.07 0.40
C HIS A 178 -15.06 -10.54 0.07
N VAL A 179 -15.12 -9.28 -0.37
CA VAL A 179 -16.38 -8.59 -0.65
C VAL A 179 -17.22 -9.37 -1.67
N LEU A 180 -16.60 -9.79 -2.78
CA LEU A 180 -17.35 -10.49 -3.82
C LEU A 180 -17.86 -11.88 -3.36
N HIS A 181 -17.31 -12.38 -2.26
CA HIS A 181 -17.77 -13.62 -1.67
C HIS A 181 -18.82 -13.47 -0.60
N HIS A 182 -19.17 -12.24 -0.29
CA HIS A 182 -20.09 -11.90 0.78
C HIS A 182 -21.07 -10.87 0.35
N LEU A 183 -21.57 -10.99 -0.87
CA LEU A 183 -22.47 -9.95 -1.40
C LEU A 183 -23.81 -9.94 -0.67
N ASP A 184 -24.11 -10.97 0.12
CA ASP A 184 -25.31 -10.98 0.95
C ASP A 184 -25.11 -10.24 2.30
N ALA A 185 -23.86 -9.94 2.66
CA ALA A 185 -23.58 -9.21 3.89
C ALA A 185 -23.97 -7.76 3.75
N ASP A 186 -24.39 -7.17 4.87
CA ASP A 186 -24.54 -5.73 4.97
CA ASP A 186 -24.55 -5.72 4.98
C ASP A 186 -23.14 -5.13 5.15
N PHE A 187 -22.67 -4.38 4.17
CA PHE A 187 -21.38 -3.72 4.31
C PHE A 187 -21.61 -2.41 5.04
N THR A 188 -21.64 -2.51 6.36
CA THR A 188 -21.91 -1.38 7.23
C THR A 188 -20.78 -0.36 7.18
N PRO A 189 -21.10 0.90 7.51
CA PRO A 189 -20.04 1.90 7.55
C PRO A 189 -18.90 1.51 8.49
N SER A 190 -19.20 0.96 9.67
CA SER A 190 -18.12 0.52 10.60
CA SER A 190 -18.12 0.54 10.58
C SER A 190 -17.21 -0.53 9.97
N ASN A 191 -17.79 -1.53 9.29
CA ASN A 191 -16.98 -2.62 8.70
C ASN A 191 -16.13 -2.09 7.59
N LYS A 192 -16.74 -1.29 6.75
CA LYS A 192 -16.05 -0.66 5.61
C LYS A 192 -14.90 0.26 6.07
N LEU A 193 -15.17 1.07 7.11
CA LEU A 193 -14.17 1.99 7.67
C LEU A 193 -13.02 1.29 8.36
N ALA A 194 -13.32 0.21 9.09
CA ALA A 194 -12.29 -0.65 9.66
C ALA A 194 -11.36 -1.23 8.59
N ALA A 195 -11.93 -1.66 7.45
CA ALA A 195 -11.13 -2.16 6.31
C ALA A 195 -10.26 -1.05 5.71
N VAL A 196 -10.77 0.19 5.65
CA VAL A 196 -9.97 1.32 5.20
C VAL A 196 -8.76 1.53 6.12
N ILE A 197 -9.01 1.58 7.40
CA ILE A 197 -7.93 1.77 8.34
C ILE A 197 -6.95 0.59 8.27
N GLY A 198 -7.48 -0.62 8.08
CA GLY A 198 -6.68 -1.79 7.93
C GLY A 198 -5.71 -1.74 6.77
N VAL A 199 -6.18 -1.28 5.58
CA VAL A 199 -5.28 -1.27 4.37
C VAL A 199 -4.19 -0.19 4.55
N VAL A 200 -4.59 0.97 5.07
CA VAL A 200 -3.64 2.02 5.36
C VAL A 200 -2.58 1.57 6.39
N GLY A 201 -3.02 1.01 7.53
CA GLY A 201 -2.07 0.57 8.54
C GLY A 201 -1.14 -0.52 8.00
N GLU A 202 -1.70 -1.44 7.22
CA GLU A 202 -0.87 -2.56 6.69
C GLU A 202 0.15 -2.11 5.73
N VAL A 203 -0.22 -1.16 4.86
CA VAL A 203 0.69 -0.67 3.87
C VAL A 203 1.80 0.15 4.55
N VAL A 204 1.43 1.04 5.50
CA VAL A 204 2.45 1.84 6.19
C VAL A 204 3.43 0.96 6.90
N THR A 205 2.91 -0.02 7.63
CA THR A 205 3.77 -0.94 8.34
C THR A 205 4.68 -1.78 7.43
N THR A 206 4.12 -2.28 6.34
CA THR A 206 4.91 -3.05 5.34
C THR A 206 6.07 -2.23 4.77
N MET A 207 5.82 -0.98 4.39
CA MET A 207 6.91 -0.12 3.95
C MET A 207 7.96 0.10 5.05
N ALA A 208 7.51 0.34 6.28
CA ALA A 208 8.42 0.65 7.40
C ALA A 208 9.32 -0.54 7.78
N ILE A 209 8.75 -1.74 7.84
CA ILE A 209 9.53 -2.90 8.22
C ILE A 209 10.49 -3.29 7.09
N THR A 210 10.12 -2.96 5.84
CA THR A 210 10.94 -3.28 4.70
C THR A 210 12.19 -2.38 4.76
N VAL A 211 12.00 -1.06 4.94
CA VAL A 211 13.19 -0.17 5.10
C VAL A 211 13.99 -0.41 6.41
N ALA A 212 13.31 -0.87 7.46
CA ALA A 212 14.01 -1.26 8.68
C ALA A 212 14.99 -2.41 8.38
N ARG A 213 14.51 -3.42 7.63
CA ARG A 213 15.36 -4.53 7.23
C ARG A 213 16.51 -4.01 6.38
N GLU A 214 16.18 -3.19 5.39
CA GLU A 214 17.18 -2.65 4.46
C GLU A 214 18.31 -1.93 5.20
N PHE A 215 17.95 -1.10 6.17
CA PHE A 215 18.90 -0.22 6.84
C PHE A 215 19.38 -0.79 8.18
N LYS A 216 19.01 -2.06 8.42
CA LYS A 216 19.53 -2.90 9.51
C LYS A 216 19.21 -2.33 10.91
N THR A 217 17.95 -1.95 11.10
CA THR A 217 17.46 -1.51 12.43
C THR A 217 16.16 -2.26 12.75
N GLU A 218 15.96 -2.60 14.02
CA GLU A 218 14.72 -3.26 14.48
C GLU A 218 13.70 -2.20 14.99
N ASN A 219 14.14 -0.96 15.16
CA ASN A 219 13.32 0.11 15.74
C ASN A 219 12.56 0.89 14.71
N ILE A 220 11.24 0.99 14.90
CA ILE A 220 10.42 1.78 14.05
C ILE A 220 9.52 2.71 14.90
N VAL A 221 9.69 4.01 14.72
CA VAL A 221 8.96 5.02 15.51
C VAL A 221 7.90 5.63 14.61
N TYR A 222 6.65 5.62 15.06
CA TYR A 222 5.56 6.08 14.24
C TYR A 222 5.06 7.40 14.76
N ILE A 223 5.02 8.39 13.90
CA ILE A 223 4.50 9.73 14.25
C ILE A 223 3.46 10.18 13.25
N GLY A 224 2.81 11.31 13.55
CA GLY A 224 1.81 11.91 12.67
C GLY A 224 0.44 11.95 13.32
N SER A 225 -0.38 12.90 12.92
CA SER A 225 -1.69 13.08 13.53
C SER A 225 -2.67 11.99 13.08
N SER A 226 -2.32 11.18 12.06
CA SER A 226 -3.20 10.09 11.62
C SER A 226 -3.51 9.10 12.73
N PHE A 227 -2.64 9.02 13.75
CA PHE A 227 -2.84 8.12 14.89
C PHE A 227 -3.75 8.72 15.98
N HIS A 228 -4.06 10.01 15.89
CA HIS A 228 -4.96 10.66 16.86
CA HIS A 228 -4.97 10.66 16.87
C HIS A 228 -6.39 10.16 16.70
N ASN A 229 -7.03 9.82 17.81
CA ASN A 229 -8.39 9.31 17.82
C ASN A 229 -8.55 8.09 16.92
N ASN A 230 -7.51 7.25 16.87
CA ASN A 230 -7.58 6.04 16.09
C ASN A 230 -6.77 4.95 16.68
N ALA A 231 -7.29 4.39 17.79
CA ALA A 231 -6.66 3.27 18.44
C ALA A 231 -6.54 2.06 17.50
N LEU A 232 -7.54 1.85 16.65
CA LEU A 232 -7.53 0.74 15.74
C LEU A 232 -6.33 0.80 14.82
N LEU A 233 -6.06 2.00 14.23
CA LEU A 233 -4.86 2.21 13.38
C LEU A 233 -3.58 1.89 14.16
N ARG A 234 -3.48 2.40 15.40
CA ARG A 234 -2.33 2.10 16.24
C ARG A 234 -2.16 0.61 16.44
N LYS A 235 -3.27 -0.10 16.69
CA LYS A 235 -3.22 -1.56 16.87
C LYS A 235 -2.78 -2.32 15.60
N VAL A 236 -3.38 -1.98 14.46
CA VAL A 236 -3.02 -2.62 13.18
C VAL A 236 -1.51 -2.50 12.96
N VAL A 237 -1.00 -1.30 13.23
CA VAL A 237 0.41 -1.01 12.97
C VAL A 237 1.30 -1.67 13.96
N GLU A 238 0.94 -1.56 15.25
CA GLU A 238 1.76 -2.11 16.29
C GLU A 238 1.82 -3.66 16.20
N ASP A 239 0.67 -4.28 15.92
CA ASP A 239 0.59 -5.73 15.87
C ASP A 239 1.46 -6.26 14.71
N TYR A 240 1.33 -5.68 13.54
CA TYR A 240 2.04 -6.20 12.38
C TYR A 240 3.57 -5.90 12.45
N THR A 241 3.97 -4.76 13.06
CA THR A 241 5.41 -4.48 13.27
C THR A 241 6.06 -5.55 14.15
N VAL A 242 5.41 -5.89 15.25
CA VAL A 242 5.92 -6.91 16.11
C VAL A 242 5.98 -8.27 15.36
N LEU A 243 4.94 -8.62 14.63
CA LEU A 243 4.94 -9.88 13.86
C LEU A 243 6.06 -9.93 12.79
N ARG A 244 6.52 -8.78 12.34
CA ARG A 244 7.65 -8.70 11.42
C ARG A 244 9.01 -8.53 12.11
N GLY A 245 9.08 -8.82 13.40
CA GLY A 245 10.35 -8.87 14.11
C GLY A 245 10.94 -7.51 14.40
N CYS A 246 10.10 -6.46 14.40
CA CYS A 246 10.53 -5.10 14.69
C CYS A 246 9.87 -4.60 15.98
N LYS A 247 10.40 -3.49 16.50
CA LYS A 247 9.94 -2.86 17.73
C LYS A 247 9.26 -1.53 17.41
N PRO A 248 7.93 -1.46 17.57
CA PRO A 248 7.21 -0.21 17.32
C PRO A 248 7.24 0.73 18.53
N TYR A 249 7.34 2.02 18.25
CA TYR A 249 7.28 3.06 19.27
C TYR A 249 6.28 4.16 18.81
N TYR A 250 5.44 4.60 19.74
CA TYR A 250 4.60 5.81 19.62
C TYR A 250 5.16 6.76 20.67
N VAL A 251 5.14 8.07 20.41
CA VAL A 251 5.56 9.07 21.39
C VAL A 251 4.44 10.04 21.59
N GLU A 252 4.23 10.39 22.85
CA GLU A 252 3.33 11.45 23.21
C GLU A 252 3.77 12.72 22.48
N ASN A 253 2.80 13.36 21.84
CA ASN A 253 3.03 14.60 21.09
C ASN A 253 3.90 14.40 19.83
N GLY A 254 3.98 13.16 19.37
CA GLY A 254 4.74 12.80 18.17
C GLY A 254 4.33 13.60 16.95
N ALA A 255 3.04 13.95 16.87
CA ALA A 255 2.47 14.75 15.74
C ALA A 255 3.05 16.18 15.70
N PHE A 256 3.66 16.60 16.80
CA PHE A 256 4.29 17.92 16.91
C PHE A 256 5.79 17.90 16.74
N SER A 257 6.35 16.74 16.34
CA SER A 257 7.81 16.59 16.16
C SER A 257 8.37 17.71 15.25
N GLY A 258 7.68 17.99 14.16
CA GLY A 258 8.14 19.02 13.22
C GLY A 258 8.14 20.44 13.81
N ALA A 259 7.08 20.79 14.49
CA ALA A 259 6.94 22.09 15.14
C ALA A 259 7.99 22.27 16.22
N ILE A 260 8.19 21.24 17.05
CA ILE A 260 9.27 21.29 18.06
C ILE A 260 10.65 21.41 17.39
N GLY A 261 10.88 20.63 16.34
CA GLY A 261 12.20 20.61 15.67
C GLY A 261 12.52 21.93 15.00
N ALA A 262 11.51 22.57 14.43
CA ALA A 262 11.64 23.90 13.81
C ALA A 262 12.23 24.87 14.82
N LEU A 263 11.73 24.85 16.05
CA LEU A 263 12.26 25.71 17.11
C LEU A 263 13.71 25.40 17.50
N TYR A 264 14.08 24.12 17.47
CA TYR A 264 15.43 23.67 17.89
CA TYR A 264 15.41 23.79 17.92
C TYR A 264 16.46 23.88 16.79
N LEU A 265 16.04 23.73 15.55
CA LEU A 265 16.94 23.98 14.42
C LEU A 265 17.35 25.47 14.42
N GLU A 266 16.43 26.36 14.84
CA GLU A 266 16.76 27.76 15.04
C GLU A 266 17.61 27.92 16.30
N MET B 1 -1.66 -35.97 -22.63
CA MET B 1 -1.09 -34.60 -22.43
C MET B 1 -0.56 -34.42 -21.01
N LYS B 2 0.22 -33.37 -20.82
CA LYS B 2 0.68 -32.96 -19.51
C LYS B 2 0.00 -31.68 -19.21
N VAL B 3 -0.43 -31.52 -17.95
CA VAL B 3 -1.21 -30.39 -17.54
C VAL B 3 -0.59 -29.78 -16.29
N GLY B 4 -0.34 -28.46 -16.34
CA GLY B 4 0.03 -27.68 -15.16
C GLY B 4 -1.14 -26.78 -14.74
N ILE B 5 -1.42 -26.72 -13.45
CA ILE B 5 -2.54 -25.92 -12.96
C ILE B 5 -2.11 -25.03 -11.80
N ASP B 6 -2.42 -23.73 -11.90
CA ASP B 6 -2.22 -22.80 -10.80
C ASP B 6 -3.62 -22.38 -10.32
N ALA B 7 -4.08 -23.00 -9.24
CA ALA B 7 -5.44 -22.82 -8.77
C ALA B 7 -5.40 -21.75 -7.71
N GLY B 8 -5.58 -20.49 -8.12
CA GLY B 8 -5.43 -19.40 -7.20
C GLY B 8 -6.72 -19.05 -6.46
N GLY B 9 -6.69 -17.93 -5.80
CA GLY B 9 -7.82 -17.43 -5.08
C GLY B 9 -8.96 -16.94 -5.95
N THR B 10 -8.67 -16.53 -7.18
CA THR B 10 -9.73 -16.03 -8.07
C THR B 10 -9.86 -16.80 -9.41
N LEU B 11 -8.71 -17.15 -10.02
CA LEU B 11 -8.69 -17.81 -11.29
C LEU B 11 -7.88 -19.11 -11.20
N ILE B 12 -8.34 -20.11 -11.95
CA ILE B 12 -7.60 -21.33 -12.15
C ILE B 12 -6.94 -21.23 -13.50
N LYS B 13 -5.61 -21.26 -13.51
CA LYS B 13 -4.85 -21.15 -14.74
C LYS B 13 -4.41 -22.53 -15.12
N ILE B 14 -4.76 -22.95 -16.35
CA ILE B 14 -4.48 -24.28 -16.85
C ILE B 14 -3.59 -24.19 -18.07
N VAL B 15 -2.46 -24.88 -18.04
CA VAL B 15 -1.58 -25.04 -19.22
C VAL B 15 -1.57 -26.50 -19.62
N GLN B 16 -1.84 -26.76 -20.90
CA GLN B 16 -1.77 -28.11 -21.46
C GLN B 16 -0.60 -28.18 -22.42
N GLU B 17 0.25 -29.19 -22.24
CA GLU B 17 1.39 -29.45 -23.13
C GLU B 17 1.14 -30.72 -23.91
N GLN B 18 1.32 -30.65 -25.22
CA GLN B 18 1.12 -31.80 -26.11
C GLN B 18 1.76 -31.51 -27.46
N ASP B 19 2.42 -32.52 -28.04
CA ASP B 19 3.11 -32.40 -29.35
C ASP B 19 3.96 -31.10 -29.44
N ASN B 20 4.75 -30.83 -28.40
CA ASN B 20 5.61 -29.62 -28.30
C ASN B 20 4.85 -28.28 -28.45
N GLN B 21 3.58 -28.26 -28.01
CA GLN B 21 2.73 -27.05 -28.06
C GLN B 21 1.99 -26.87 -26.74
N ARG B 22 1.94 -25.64 -26.22
CA ARG B 22 1.19 -25.39 -25.01
C ARG B 22 -0.07 -24.55 -25.26
N THR B 23 -1.13 -24.92 -24.55
CA THR B 23 -2.45 -24.31 -24.68
C THR B 23 -2.85 -23.73 -23.34
N PHE B 24 -3.41 -22.52 -23.34
CA PHE B 24 -3.80 -21.83 -22.10
C PHE B 24 -5.30 -21.81 -21.93
N LYS B 25 -5.77 -22.11 -20.71
CA LYS B 25 -7.19 -22.03 -20.37
C LYS B 25 -7.33 -21.42 -18.99
N THR B 26 -8.40 -20.65 -18.79
CA THR B 26 -8.70 -20.08 -17.47
C THR B 26 -10.13 -20.44 -17.08
N GLU B 27 -10.32 -20.74 -15.81
CA GLU B 27 -11.63 -20.88 -15.25
C GLU B 27 -11.67 -20.13 -13.91
N LEU B 28 -12.86 -19.77 -13.48
CA LEU B 28 -13.05 -19.13 -12.19
C LEU B 28 -12.87 -20.16 -11.07
N THR B 29 -12.19 -19.75 -9.99
CA THR B 29 -12.04 -20.60 -8.80
C THR B 29 -13.40 -21.00 -8.23
N LYS B 30 -14.39 -20.10 -8.41
CA LYS B 30 -15.79 -20.40 -8.09
C LYS B 30 -16.22 -21.77 -8.69
N ASN B 31 -15.75 -22.04 -9.91
CA ASN B 31 -16.16 -23.22 -10.69
C ASN B 31 -15.11 -24.34 -10.69
N ILE B 32 -14.31 -24.40 -9.62
CA ILE B 32 -13.27 -25.41 -9.49
C ILE B 32 -13.80 -26.85 -9.67
N ASP B 33 -15.03 -27.10 -9.25
CA ASP B 33 -15.60 -28.46 -9.39
C ASP B 33 -15.72 -28.88 -10.86
N GLN B 34 -16.00 -27.93 -11.73
CA GLN B 34 -16.01 -28.18 -13.20
C GLN B 34 -14.62 -28.54 -13.74
N VAL B 35 -13.62 -27.82 -13.25
CA VAL B 35 -12.24 -28.10 -13.61
C VAL B 35 -11.90 -29.54 -13.21
N VAL B 36 -12.26 -29.92 -11.99
CA VAL B 36 -11.99 -31.25 -11.49
C VAL B 36 -12.69 -32.33 -12.35
N GLU B 37 -13.95 -32.08 -12.69
CA GLU B 37 -14.72 -32.98 -13.56
C GLU B 37 -14.02 -33.15 -14.90
N TRP B 38 -13.65 -32.01 -15.51
CA TRP B 38 -12.93 -31.97 -16.79
C TRP B 38 -11.64 -32.76 -16.68
N LEU B 39 -10.84 -32.50 -15.64
CA LEU B 39 -9.60 -33.28 -15.44
C LEU B 39 -9.85 -34.77 -15.41
N ASN B 40 -10.88 -35.19 -14.68
CA ASN B 40 -11.19 -36.61 -14.52
C ASN B 40 -11.68 -37.28 -15.79
N GLN B 41 -12.02 -36.48 -16.78
CA GLN B 41 -12.46 -36.98 -18.07
C GLN B 41 -11.40 -36.90 -19.15
N GLN B 42 -10.25 -36.33 -18.82
CA GLN B 42 -9.16 -36.20 -19.79
C GLN B 42 -8.18 -37.34 -19.63
N GLN B 43 -7.42 -37.63 -20.67
CA GLN B 43 -6.31 -38.60 -20.58
C GLN B 43 -5.04 -37.78 -20.29
N ILE B 44 -4.59 -37.81 -19.04
CA ILE B 44 -3.46 -36.96 -18.59
C ILE B 44 -2.27 -37.84 -18.20
N GLU B 45 -1.12 -37.62 -18.85
CA GLU B 45 0.12 -38.33 -18.52
C GLU B 45 0.66 -37.90 -17.17
N LYS B 46 0.69 -36.59 -16.98
CA LYS B 46 1.23 -35.97 -15.77
C LYS B 46 0.43 -34.76 -15.40
N LEU B 47 0.10 -34.63 -14.11
CA LEU B 47 -0.64 -33.50 -13.59
C LEU B 47 0.19 -32.84 -12.50
N CYS B 48 0.44 -31.55 -12.67
CA CYS B 48 1.26 -30.78 -11.76
C CYS B 48 0.45 -29.59 -11.29
N LEU B 49 0.41 -29.38 -9.98
CA LEU B 49 -0.51 -28.44 -9.37
C LEU B 49 0.21 -27.44 -8.48
N THR B 50 -0.33 -26.24 -8.38
CA THR B 50 0.21 -25.23 -7.47
C THR B 50 -0.93 -24.26 -7.10
N GLY B 51 -0.71 -23.40 -6.11
CA GLY B 51 -1.70 -22.38 -5.69
C GLY B 51 -2.52 -22.86 -4.53
N GLY B 52 -3.24 -21.92 -3.93
CA GLY B 52 -3.95 -22.16 -2.71
C GLY B 52 -5.02 -23.23 -2.79
N ASN B 53 -5.61 -23.39 -3.97
CA ASN B 53 -6.65 -24.39 -4.19
C ASN B 53 -6.14 -25.67 -4.85
N ALA B 54 -4.82 -25.86 -4.88
CA ALA B 54 -4.24 -27.12 -5.38
C ALA B 54 -4.78 -28.32 -4.61
N GLY B 55 -4.87 -28.18 -3.28
CA GLY B 55 -5.36 -29.26 -2.40
C GLY B 55 -6.74 -29.73 -2.79
N VAL B 56 -7.62 -28.79 -3.14
CA VAL B 56 -9.01 -29.12 -3.56
C VAL B 56 -9.00 -30.03 -4.81
N ILE B 57 -8.23 -29.63 -5.81
CA ILE B 57 -8.11 -30.39 -7.04
C ILE B 57 -7.52 -31.73 -6.73
N ALA B 58 -6.36 -31.70 -6.09
CA ALA B 58 -5.62 -32.91 -5.71
C ALA B 58 -6.47 -33.94 -4.96
N GLU B 59 -7.41 -33.47 -4.15
CA GLU B 59 -8.22 -34.38 -3.33
C GLU B 59 -9.25 -35.10 -4.16
N ASN B 60 -9.85 -34.38 -5.13
CA ASN B 60 -11.00 -34.90 -5.90
C ASN B 60 -10.63 -35.50 -7.28
N ILE B 61 -9.37 -35.40 -7.70
CA ILE B 61 -8.90 -36.09 -8.93
C ILE B 61 -8.67 -37.58 -8.69
N ASN B 62 -8.80 -38.37 -9.75
CA ASN B 62 -8.67 -39.81 -9.67
C ASN B 62 -7.30 -40.32 -10.17
N ILE B 63 -6.34 -39.41 -10.38
CA ILE B 63 -4.96 -39.79 -10.76
C ILE B 63 -3.98 -39.13 -9.81
N PRO B 64 -2.73 -39.63 -9.75
CA PRO B 64 -1.72 -38.92 -8.94
C PRO B 64 -1.48 -37.52 -9.47
N ALA B 65 -1.05 -36.61 -8.60
CA ALA B 65 -0.68 -35.31 -9.03
C ALA B 65 0.36 -34.75 -8.12
N GLN B 66 1.40 -34.20 -8.73
CA GLN B 66 2.45 -33.54 -7.97
CA GLN B 66 2.47 -33.52 -7.99
C GLN B 66 2.03 -32.09 -7.62
N ILE B 67 2.36 -31.66 -6.40
CA ILE B 67 2.04 -30.33 -5.92
C ILE B 67 3.33 -29.57 -5.62
N PHE B 68 3.38 -28.31 -6.03
CA PHE B 68 4.55 -27.47 -5.84
C PHE B 68 4.15 -26.15 -5.15
N VAL B 69 5.09 -25.58 -4.41
CA VAL B 69 4.87 -24.25 -3.77
C VAL B 69 4.87 -23.20 -4.88
N GLU B 70 3.90 -22.29 -4.86
CA GLU B 70 3.67 -21.36 -5.97
C GLU B 70 4.77 -20.34 -6.18
N PHE B 71 5.54 -20.04 -5.15
CA PHE B 71 6.62 -19.08 -5.29
C PHE B 71 7.72 -19.63 -6.20
N ASP B 72 8.09 -20.88 -5.97
CA ASP B 72 9.07 -21.56 -6.84
C ASP B 72 8.52 -21.82 -8.25
N ALA B 73 7.26 -22.23 -8.33
CA ALA B 73 6.61 -22.50 -9.61
C ALA B 73 6.53 -21.22 -10.45
N ALA B 74 6.04 -20.16 -9.83
CA ALA B 74 5.95 -18.87 -10.49
C ALA B 74 7.35 -18.41 -10.95
N SER B 75 8.36 -18.50 -10.09
CA SER B 75 9.71 -18.13 -10.50
C SER B 75 10.19 -18.94 -11.72
N GLN B 76 9.96 -20.25 -11.70
CA GLN B 76 10.43 -21.12 -12.83
C GLN B 76 9.77 -20.76 -14.15
N GLY B 77 8.44 -20.67 -14.14
CA GLY B 77 7.69 -20.34 -15.34
C GLY B 77 8.02 -18.96 -15.85
N LEU B 78 8.20 -18.00 -14.93
CA LEU B 78 8.56 -16.65 -15.32
C LEU B 78 9.89 -16.64 -16.01
N GLY B 79 10.85 -17.36 -15.46
CA GLY B 79 12.18 -17.48 -16.06
C GLY B 79 12.11 -18.08 -17.46
N ILE B 80 11.26 -19.10 -17.63
CA ILE B 80 11.06 -19.73 -18.95
C ILE B 80 10.53 -18.69 -19.94
N LEU B 81 9.47 -17.99 -19.54
CA LEU B 81 8.79 -17.01 -20.38
C LEU B 81 9.69 -15.85 -20.73
N LEU B 82 10.45 -15.37 -19.75
CA LEU B 82 11.42 -14.29 -19.97
C LEU B 82 12.43 -14.68 -21.05
N LYS B 83 13.05 -15.86 -20.90
CA LYS B 83 14.04 -16.36 -21.84
C LYS B 83 13.42 -16.60 -23.22
N GLU B 84 12.21 -17.20 -23.25
CA GLU B 84 11.48 -17.41 -24.53
C GLU B 84 11.25 -16.09 -25.25
N GLN B 85 11.03 -15.03 -24.49
CA GLN B 85 10.74 -13.69 -25.05
CA GLN B 85 10.80 -13.71 -25.01
C GLN B 85 11.95 -12.73 -25.18
C GLN B 85 12.19 -13.00 -24.96
N GLY B 86 13.17 -13.27 -25.15
N GLY B 86 12.26 -11.71 -25.19
CA GLY B 86 14.36 -12.47 -25.39
CA GLY B 86 13.58 -11.07 -25.40
C GLY B 86 14.72 -11.50 -24.27
C GLY B 86 14.65 -11.21 -24.30
N HIS B 87 14.43 -11.88 -23.02
N HIS B 87 14.27 -11.64 -23.10
CA HIS B 87 14.94 -11.17 -21.85
C HIS B 87 15.89 -12.07 -21.08
N ASP B 88 17.19 -11.73 -21.14
CA ASP B 88 18.23 -12.37 -20.31
C ASP B 88 18.64 -11.44 -19.17
N LEU B 89 17.95 -11.58 -18.05
CA LEU B 89 18.20 -10.74 -16.90
C LEU B 89 19.00 -11.54 -15.88
N ALA B 90 20.12 -10.99 -15.43
CA ALA B 90 20.98 -11.64 -14.45
C ALA B 90 20.24 -11.79 -13.11
N ASP B 91 19.51 -10.74 -12.75
CA ASP B 91 18.69 -10.70 -11.53
C ASP B 91 17.50 -9.75 -11.68
N TYR B 92 16.50 -9.91 -10.81
CA TYR B 92 15.31 -9.05 -10.83
C TYR B 92 14.43 -9.26 -9.61
N ILE B 93 13.67 -8.23 -9.30
CA ILE B 93 12.50 -8.39 -8.46
C ILE B 93 11.40 -8.88 -9.38
N PHE B 94 10.61 -9.85 -8.92
CA PHE B 94 9.33 -10.04 -9.56
C PHE B 94 8.18 -9.84 -8.55
N ALA B 95 7.13 -9.18 -9.01
CA ALA B 95 5.97 -8.86 -8.21
C ALA B 95 4.80 -9.61 -8.80
N ASN B 96 4.28 -10.56 -8.04
CA ASN B 96 3.16 -11.37 -8.47
C ASN B 96 1.86 -10.74 -7.97
N VAL B 97 1.19 -10.02 -8.86
CA VAL B 97 -0.04 -9.28 -8.51
C VAL B 97 -1.25 -10.15 -8.81
N GLY B 98 -1.56 -11.06 -7.88
CA GLY B 98 -2.68 -11.97 -8.05
C GLY B 98 -3.85 -11.42 -7.29
N THR B 99 -4.62 -12.29 -6.67
CA THR B 99 -5.69 -11.80 -5.78
C THR B 99 -5.06 -10.83 -4.73
N GLY B 100 -3.92 -11.24 -4.17
CA GLY B 100 -3.04 -10.37 -3.44
C GLY B 100 -1.68 -10.32 -4.07
N THR B 101 -0.78 -9.56 -3.47
CA THR B 101 0.53 -9.35 -4.05
C THR B 101 1.70 -9.91 -3.23
N SER B 102 2.52 -10.73 -3.92
CA SER B 102 3.72 -11.34 -3.35
C SER B 102 4.98 -10.86 -4.11
N LEU B 103 6.01 -10.49 -3.36
CA LEU B 103 7.22 -9.89 -3.91
C LEU B 103 8.41 -10.78 -3.69
N HIS B 104 9.23 -10.89 -4.74
CA HIS B 104 10.34 -11.85 -4.75
C HIS B 104 11.59 -11.26 -5.31
N TYR B 105 12.72 -11.68 -4.78
CA TYR B 105 14.00 -11.35 -5.39
C TYR B 105 14.56 -12.60 -6.02
N PHE B 106 14.78 -12.54 -7.34
CA PHE B 106 15.41 -13.62 -8.08
C PHE B 106 16.84 -13.18 -8.40
N ASP B 107 17.81 -13.80 -7.74
CA ASP B 107 19.21 -13.40 -7.86
C ASP B 107 19.95 -14.05 -9.05
N GLY B 108 19.26 -14.92 -9.79
CA GLY B 108 19.89 -15.76 -10.84
C GLY B 108 19.81 -17.23 -10.45
N GLN B 109 20.22 -17.52 -9.20
CA GLN B 109 20.13 -18.88 -8.64
C GLN B 109 18.66 -19.26 -8.40
N SER B 110 17.99 -18.57 -7.47
CA SER B 110 16.62 -18.90 -7.12
C SER B 110 15.87 -17.66 -6.61
N GLN B 111 14.62 -17.84 -6.24
CA GLN B 111 13.83 -16.77 -5.70
C GLN B 111 13.78 -16.85 -4.17
N ARG B 112 13.65 -15.70 -3.53
CA ARG B 112 13.24 -15.63 -2.13
C ARG B 112 12.10 -14.61 -2.06
N ARG B 113 11.12 -14.85 -1.21
CA ARG B 113 10.09 -13.87 -0.99
C ARG B 113 10.66 -12.81 -0.11
N VAL B 114 10.55 -11.57 -0.53
CA VAL B 114 11.08 -10.43 0.24
C VAL B 114 10.00 -9.50 0.78
N GLY B 115 8.75 -9.76 0.40
CA GLY B 115 7.61 -9.04 0.95
C GLY B 115 6.31 -9.41 0.33
N GLY B 116 5.26 -8.76 0.80
CA GLY B 116 3.96 -8.92 0.23
C GLY B 116 3.02 -7.88 0.78
N ILE B 117 1.87 -7.72 0.11
CA ILE B 117 0.90 -6.72 0.49
C ILE B 117 -0.49 -7.09 -0.08
N GLY B 118 -1.55 -6.77 0.67
CA GLY B 118 -2.91 -7.15 0.31
C GLY B 118 -3.53 -6.25 -0.76
N THR B 119 -2.73 -5.31 -1.29
CA THR B 119 -3.14 -4.48 -2.41
C THR B 119 -2.82 -5.19 -3.76
N GLY B 120 -3.87 -5.70 -4.38
CA GLY B 120 -3.78 -6.39 -5.65
C GLY B 120 -5.14 -6.51 -6.30
N GLY B 121 -5.32 -7.59 -7.05
CA GLY B 121 -6.51 -7.77 -7.82
C GLY B 121 -7.80 -7.92 -7.04
N GLY B 122 -7.72 -8.54 -5.87
CA GLY B 122 -8.89 -8.74 -5.03
C GLY B 122 -9.40 -7.40 -4.51
N MET B 123 -8.45 -6.48 -4.24
CA MET B 123 -8.79 -5.12 -3.82
C MET B 123 -9.45 -4.35 -4.94
N ILE B 124 -8.88 -4.44 -6.13
CA ILE B 124 -9.47 -3.79 -7.27
C ILE B 124 -10.94 -4.22 -7.47
N GLN B 125 -11.18 -5.53 -7.46
CA GLN B 125 -12.54 -6.08 -7.51
C GLN B 125 -13.45 -5.69 -6.34
N GLY B 126 -12.97 -5.84 -5.11
CA GLY B 126 -13.83 -5.70 -3.92
C GLY B 126 -14.11 -4.24 -3.59
N LEU B 127 -13.06 -3.41 -3.56
CA LEU B 127 -13.24 -1.99 -3.36
C LEU B 127 -13.90 -1.36 -4.58
N GLY B 128 -13.56 -1.86 -5.77
CA GLY B 128 -14.29 -1.47 -6.98
C GLY B 128 -15.80 -1.66 -6.86
N TYR B 129 -16.22 -2.83 -6.38
CA TYR B 129 -17.64 -3.11 -6.14
C TYR B 129 -18.23 -2.14 -5.14
N LEU B 130 -17.52 -1.90 -4.03
CA LEU B 130 -18.07 -1.03 -2.98
C LEU B 130 -18.28 0.40 -3.48
N LEU B 131 -17.42 0.83 -4.41
CA LEU B 131 -17.49 2.17 -4.97
C LEU B 131 -18.34 2.31 -6.26
N SER B 132 -18.64 1.21 -6.94
CA SER B 132 -19.40 1.29 -8.24
C SER B 132 -20.57 0.35 -8.36
N GLN B 133 -20.69 -0.63 -7.46
CA GLN B 133 -21.70 -1.72 -7.55
C GLN B 133 -21.49 -2.67 -8.75
N ILE B 134 -20.33 -2.59 -9.42
CA ILE B 134 -20.07 -3.40 -10.59
C ILE B 134 -19.39 -4.68 -10.16
N THR B 135 -19.94 -5.83 -10.55
CA THR B 135 -19.34 -7.16 -10.22
C THR B 135 -18.61 -7.80 -11.40
N ASP B 136 -19.04 -7.46 -12.63
CA ASP B 136 -18.40 -7.99 -13.81
C ASP B 136 -16.99 -7.42 -13.95
N TYR B 137 -15.99 -8.30 -13.95
CA TYR B 137 -14.59 -7.87 -14.00
C TYR B 137 -14.30 -7.02 -15.25
N LYS B 138 -14.75 -7.48 -16.41
CA LYS B 138 -14.51 -6.76 -17.68
CA LYS B 138 -14.46 -6.75 -17.64
C LYS B 138 -15.13 -5.36 -17.64
N GLN B 139 -16.38 -5.29 -17.20
CA GLN B 139 -17.10 -4.01 -17.07
CA GLN B 139 -17.07 -4.00 -17.10
C GLN B 139 -16.37 -3.06 -16.14
N LEU B 140 -15.97 -3.60 -14.99
CA LEU B 140 -15.30 -2.81 -13.95
C LEU B 140 -13.99 -2.18 -14.46
N THR B 141 -13.12 -3.02 -15.02
CA THR B 141 -11.85 -2.55 -15.53
C THR B 141 -12.04 -1.64 -16.76
N ASP B 142 -12.97 -1.97 -17.64
CA ASP B 142 -13.28 -1.09 -18.79
C ASP B 142 -13.68 0.31 -18.33
N MET B 143 -14.55 0.38 -17.34
CA MET B 143 -15.08 1.67 -16.85
C MET B 143 -13.93 2.57 -16.37
N ALA B 144 -12.95 1.96 -15.72
CA ALA B 144 -11.83 2.64 -15.08
C ALA B 144 -10.88 3.33 -16.05
N GLN B 145 -10.82 2.85 -17.29
CA GLN B 145 -9.80 3.36 -18.23
C GLN B 145 -10.09 4.80 -18.63
N HIS B 146 -11.35 5.22 -18.50
CA HIS B 146 -11.79 6.56 -18.86
CA HIS B 146 -11.69 6.59 -18.86
C HIS B 146 -11.87 7.49 -17.67
N GLY B 147 -11.48 7.00 -16.48
CA GLY B 147 -11.53 7.80 -15.24
C GLY B 147 -10.37 8.78 -15.11
N ASP B 148 -10.58 9.88 -14.36
CA ASP B 148 -9.51 10.82 -13.99
C ASP B 148 -9.39 10.85 -12.47
N ARG B 149 -8.17 10.80 -11.99
CA ARG B 149 -7.91 10.81 -10.53
C ARG B 149 -7.62 12.22 -9.96
N ASN B 150 -7.58 13.24 -10.84
CA ASN B 150 -7.23 14.64 -10.46
C ASN B 150 -8.05 15.18 -9.27
N THR B 151 -9.34 14.84 -9.23
CA THR B 151 -10.28 15.30 -8.18
C THR B 151 -10.28 14.44 -6.90
N ILE B 152 -9.57 13.32 -6.93
CA ILE B 152 -9.59 12.36 -5.83
C ILE B 152 -8.23 12.34 -5.11
N ASP B 153 -7.13 12.34 -5.88
CA ASP B 153 -5.78 12.19 -5.31
C ASP B 153 -5.13 13.53 -5.04
N LEU B 154 -4.38 13.60 -3.95
CA LEU B 154 -3.62 14.79 -3.61
C LEU B 154 -2.15 14.58 -3.98
N LYS B 155 -1.57 15.55 -4.70
CA LYS B 155 -0.15 15.56 -4.98
C LYS B 155 0.66 16.42 -3.99
N VAL B 156 1.95 16.12 -3.94
CA VAL B 156 2.91 16.90 -3.16
C VAL B 156 2.76 18.43 -3.43
N ARG B 157 2.57 18.80 -4.70
CA ARG B 157 2.43 20.24 -5.05
C ARG B 157 1.19 20.89 -4.43
N HIS B 158 0.14 20.10 -4.11
CA HIS B 158 -1.05 20.65 -3.40
C HIS B 158 -0.76 20.97 -1.94
N ILE B 159 0.12 20.18 -1.33
CA ILE B 159 0.53 20.39 0.08
C ILE B 159 1.51 21.57 0.18
N TYR B 160 2.58 21.53 -0.63
CA TYR B 160 3.50 22.68 -0.76
C TYR B 160 2.96 23.80 -1.66
N LYS B 161 2.08 24.61 -1.07
CA LYS B 161 1.36 25.65 -1.80
C LYS B 161 2.26 26.84 -2.08
N ASP B 162 2.42 27.18 -3.37
CA ASP B 162 3.26 28.35 -3.80
C ASP B 162 4.70 28.25 -3.31
N THR B 163 5.18 27.02 -3.13
CA THR B 163 6.46 26.78 -2.51
C THR B 163 7.12 25.62 -3.18
N GLU B 164 8.43 25.71 -3.36
CA GLU B 164 9.22 24.63 -3.97
C GLU B 164 9.25 23.42 -3.03
N PRO B 165 8.75 22.25 -3.51
CA PRO B 165 8.64 21.10 -2.65
C PRO B 165 9.95 20.37 -2.46
N PRO B 166 10.09 19.64 -1.33
CA PRO B 166 11.31 18.94 -0.98
C PRO B 166 11.51 17.67 -1.79
N ILE B 167 10.41 17.12 -2.33
CA ILE B 167 10.47 15.99 -3.22
C ILE B 167 9.59 16.34 -4.43
N PRO B 168 9.69 15.56 -5.52
CA PRO B 168 8.99 15.98 -6.74
C PRO B 168 7.51 16.26 -6.54
N GLY B 169 7.09 17.45 -6.98
CA GLY B 169 5.75 17.97 -6.76
C GLY B 169 4.63 17.19 -7.41
N ASP B 170 4.96 16.39 -8.43
CA ASP B 170 3.95 15.65 -9.20
C ASP B 170 3.57 14.31 -8.57
N LEU B 171 4.38 13.84 -7.61
CA LEU B 171 4.11 12.56 -6.95
C LEU B 171 2.81 12.65 -6.19
N THR B 172 2.11 11.51 -6.11
CA THR B 172 0.96 11.38 -5.23
C THR B 172 1.42 11.48 -3.78
N ALA B 173 0.85 12.42 -3.05
CA ALA B 173 1.14 12.60 -1.66
C ALA B 173 0.18 11.78 -0.79
N ALA B 174 -1.09 11.78 -1.19
CA ALA B 174 -2.15 11.08 -0.47
C ALA B 174 -3.19 10.59 -1.49
N ASN B 175 -3.33 9.27 -1.59
CA ASN B 175 -4.36 8.70 -2.44
C ASN B 175 -5.68 9.03 -1.82
N PHE B 176 -6.64 9.51 -2.62
CA PHE B 176 -7.98 9.92 -2.10
C PHE B 176 -7.96 11.17 -1.20
N GLY B 177 -6.78 11.77 -1.01
CA GLY B 177 -6.61 12.91 -0.13
C GLY B 177 -7.16 14.23 -0.67
N HIS B 178 -7.62 14.21 -1.90
CA HIS B 178 -8.25 15.40 -2.50
C HIS B 178 -9.76 15.38 -2.44
N VAL B 179 -10.33 14.26 -2.00
CA VAL B 179 -11.80 14.09 -1.98
C VAL B 179 -12.49 15.18 -1.16
N LEU B 180 -11.92 15.50 0.00
CA LEU B 180 -12.61 16.42 0.96
C LEU B 180 -12.66 17.89 0.46
N HIS B 181 -11.86 18.19 -0.56
CA HIS B 181 -11.90 19.48 -1.24
C HIS B 181 -12.88 19.53 -2.38
N HIS B 182 -13.50 18.41 -2.73
CA HIS B 182 -14.44 18.34 -3.89
C HIS B 182 -15.75 17.70 -3.51
N LEU B 183 -16.38 18.20 -2.47
CA LEU B 183 -17.62 17.60 -1.96
C LEU B 183 -18.93 18.16 -2.58
N ASP B 184 -18.83 19.20 -3.41
CA ASP B 184 -20.05 19.87 -3.94
C ASP B 184 -20.95 18.91 -4.76
N ALA B 185 -20.34 17.92 -5.43
CA ALA B 185 -21.08 16.93 -6.23
C ALA B 185 -20.54 15.48 -6.05
N ASP B 186 -21.33 14.51 -6.52
CA ASP B 186 -20.96 13.10 -6.46
C ASP B 186 -19.70 12.82 -7.30
N PHE B 187 -18.97 11.77 -6.92
CA PHE B 187 -17.76 11.32 -7.65
C PHE B 187 -18.15 10.20 -8.62
N THR B 188 -17.69 10.28 -9.87
CA THR B 188 -18.16 9.35 -10.91
C THR B 188 -17.56 7.95 -10.70
N PRO B 189 -18.30 6.90 -11.11
CA PRO B 189 -17.74 5.55 -11.01
C PRO B 189 -16.36 5.39 -11.74
N SER B 190 -16.19 5.96 -12.93
CA SER B 190 -14.93 5.85 -13.67
C SER B 190 -13.76 6.51 -12.90
N ASN B 191 -14.02 7.67 -12.29
CA ASN B 191 -12.97 8.34 -11.50
C ASN B 191 -12.64 7.57 -10.23
N LYS B 192 -13.65 7.07 -9.57
CA LYS B 192 -13.40 6.32 -8.34
C LYS B 192 -12.62 5.07 -8.65
N LEU B 193 -13.04 4.33 -9.66
CA LEU B 193 -12.31 3.14 -10.08
C LEU B 193 -10.88 3.41 -10.53
N ALA B 194 -10.65 4.51 -11.27
CA ALA B 194 -9.27 4.86 -11.65
C ALA B 194 -8.41 5.04 -10.36
N ALA B 195 -8.97 5.74 -9.37
CA ALA B 195 -8.29 5.97 -8.08
C ALA B 195 -7.99 4.66 -7.33
N VAL B 196 -8.91 3.69 -7.40
CA VAL B 196 -8.67 2.39 -6.78
C VAL B 196 -7.48 1.70 -7.45
N ILE B 197 -7.48 1.69 -8.77
CA ILE B 197 -6.40 1.05 -9.52
C ILE B 197 -5.07 1.82 -9.31
N GLY B 198 -5.17 3.15 -9.26
CA GLY B 198 -4.04 4.01 -8.94
C GLY B 198 -3.33 3.68 -7.65
N VAL B 199 -4.08 3.53 -6.55
CA VAL B 199 -3.48 3.21 -5.26
C VAL B 199 -2.90 1.78 -5.19
N VAL B 200 -3.57 0.82 -5.82
CA VAL B 200 -3.04 -0.54 -5.89
C VAL B 200 -1.73 -0.56 -6.67
N GLY B 201 -1.73 0.09 -7.80
CA GLY B 201 -0.53 0.25 -8.66
C GLY B 201 0.62 0.88 -7.89
N GLU B 202 0.36 2.04 -7.27
CA GLU B 202 1.42 2.78 -6.55
C GLU B 202 1.98 2.03 -5.36
N VAL B 203 1.10 1.37 -4.61
CA VAL B 203 1.58 0.59 -3.47
C VAL B 203 2.49 -0.55 -3.96
N VAL B 204 2.00 -1.32 -4.92
CA VAL B 204 2.77 -2.43 -5.44
C VAL B 204 4.15 -1.96 -5.94
N THR B 205 4.16 -0.87 -6.71
CA THR B 205 5.36 -0.38 -7.34
C THR B 205 6.35 0.18 -6.31
N THR B 206 5.83 0.92 -5.34
CA THR B 206 6.68 1.51 -4.31
C THR B 206 7.39 0.42 -3.50
N MET B 207 6.66 -0.67 -3.22
CA MET B 207 7.23 -1.80 -2.51
C MET B 207 8.29 -2.50 -3.38
N ALA B 208 7.99 -2.66 -4.66
CA ALA B 208 8.92 -3.32 -5.63
C ALA B 208 10.20 -2.55 -5.80
N ILE B 209 10.08 -1.24 -5.91
CA ILE B 209 11.23 -0.36 -6.05
C ILE B 209 12.11 -0.37 -4.81
N THR B 210 11.48 -0.40 -3.63
CA THR B 210 12.21 -0.40 -2.37
C THR B 210 13.03 -1.69 -2.22
N VAL B 211 12.41 -2.85 -2.46
CA VAL B 211 13.18 -4.11 -2.36
C VAL B 211 14.19 -4.28 -3.49
N ALA B 212 13.93 -3.68 -4.65
CA ALA B 212 14.94 -3.64 -5.74
C ALA B 212 16.18 -2.87 -5.29
N ARG B 213 15.99 -1.72 -4.61
CA ARG B 213 17.13 -0.99 -4.04
C ARG B 213 17.81 -1.85 -2.98
N GLU B 214 17.02 -2.45 -2.13
CA GLU B 214 17.54 -3.27 -1.05
C GLU B 214 18.42 -4.44 -1.57
N PHE B 215 17.97 -5.10 -2.61
CA PHE B 215 18.69 -6.27 -3.15
C PHE B 215 19.54 -5.93 -4.40
N LYS B 216 19.70 -4.62 -4.63
CA LYS B 216 20.68 -4.08 -5.60
C LYS B 216 20.43 -4.59 -7.02
N THR B 217 19.17 -4.53 -7.45
CA THR B 217 18.82 -4.81 -8.84
C THR B 217 17.99 -3.68 -9.41
N GLU B 218 18.17 -3.40 -10.70
CA GLU B 218 17.41 -2.37 -11.37
C GLU B 218 16.21 -2.93 -12.11
N ASN B 219 16.11 -4.26 -12.19
CA ASN B 219 15.03 -4.93 -12.96
C ASN B 219 13.90 -5.37 -12.10
N ILE B 220 12.69 -5.01 -12.51
CA ILE B 220 11.48 -5.45 -11.83
C ILE B 220 10.55 -6.04 -12.86
N VAL B 221 10.17 -7.30 -12.67
CA VAL B 221 9.23 -7.97 -13.57
C VAL B 221 7.89 -8.14 -12.87
N TYR B 222 6.82 -7.79 -13.57
CA TYR B 222 5.48 -7.82 -13.02
C TYR B 222 4.66 -8.86 -13.73
N ILE B 223 3.99 -9.71 -12.95
CA ILE B 223 3.10 -10.76 -13.44
C ILE B 223 1.82 -10.78 -12.63
N GLY B 224 0.87 -11.61 -13.06
CA GLY B 224 -0.44 -11.75 -12.37
C GLY B 224 -1.58 -11.42 -13.32
N SER B 225 -2.74 -12.04 -13.10
CA SER B 225 -3.90 -11.78 -13.94
C SER B 225 -4.53 -10.40 -13.65
N SER B 226 -4.02 -9.67 -12.66
CA SER B 226 -4.56 -8.36 -12.29
C SER B 226 -4.30 -7.37 -13.41
N PHE B 227 -3.32 -7.68 -14.24
CA PHE B 227 -3.00 -6.83 -15.37
C PHE B 227 -3.86 -7.06 -16.61
N HIS B 228 -4.61 -8.17 -16.61
CA HIS B 228 -5.52 -8.53 -17.73
C HIS B 228 -6.63 -7.51 -17.87
N ASN B 229 -6.80 -6.99 -19.08
CA ASN B 229 -7.86 -5.95 -19.38
C ASN B 229 -7.70 -4.66 -18.55
N ASN B 230 -6.47 -4.36 -18.12
CA ASN B 230 -6.21 -3.17 -17.28
C ASN B 230 -4.93 -2.41 -17.66
N ALA B 231 -5.01 -1.69 -18.78
CA ALA B 231 -3.95 -0.84 -19.27
C ALA B 231 -3.56 0.25 -18.25
N LEU B 232 -4.54 0.82 -17.55
CA LEU B 232 -4.26 1.81 -16.54
C LEU B 232 -3.28 1.28 -15.49
N LEU B 233 -3.51 0.03 -15.02
CA LEU B 233 -2.67 -0.56 -13.97
C LEU B 233 -1.26 -0.81 -14.49
N ARG B 234 -1.18 -1.42 -15.67
CA ARG B 234 0.15 -1.61 -16.32
C ARG B 234 0.93 -0.28 -16.36
N LYS B 235 0.22 0.81 -16.75
CA LYS B 235 0.81 2.18 -16.91
C LYS B 235 1.27 2.82 -15.61
N VAL B 236 0.39 2.84 -14.63
CA VAL B 236 0.76 3.36 -13.30
C VAL B 236 2.05 2.67 -12.79
N VAL B 237 2.12 1.36 -12.93
CA VAL B 237 3.23 0.56 -12.42
C VAL B 237 4.51 0.85 -13.22
N GLU B 238 4.36 0.94 -14.53
CA GLU B 238 5.51 1.19 -15.40
C GLU B 238 6.12 2.54 -15.21
N ASP B 239 5.28 3.56 -15.16
CA ASP B 239 5.73 4.93 -15.08
C ASP B 239 6.49 5.18 -13.81
N TYR B 240 5.96 4.69 -12.67
CA TYR B 240 6.64 4.93 -11.39
C TYR B 240 7.91 4.06 -11.24
N THR B 241 7.92 2.89 -11.89
CA THR B 241 9.14 2.07 -11.93
C THR B 241 10.28 2.84 -12.64
N VAL B 242 9.97 3.39 -13.80
CA VAL B 242 10.93 4.15 -14.57
C VAL B 242 11.31 5.44 -13.84
N LEU B 243 10.34 6.05 -13.20
CA LEU B 243 10.59 7.30 -12.49
C LEU B 243 11.64 7.07 -11.41
N ARG B 244 11.53 5.95 -10.68
CA ARG B 244 12.52 5.62 -9.63
C ARG B 244 13.79 4.93 -10.19
N GLY B 245 14.05 5.04 -11.50
CA GLY B 245 15.32 4.55 -12.09
C GLY B 245 15.42 3.03 -12.18
N CYS B 246 14.28 2.36 -12.28
CA CYS B 246 14.26 0.91 -12.46
C CYS B 246 13.66 0.53 -13.83
N LYS B 247 13.82 -0.72 -14.23
CA LYS B 247 13.41 -1.20 -15.54
C LYS B 247 12.26 -2.19 -15.38
N PRO B 248 11.02 -1.78 -15.76
CA PRO B 248 9.84 -2.69 -15.66
C PRO B 248 9.74 -3.66 -16.81
N TYR B 249 9.40 -4.91 -16.52
CA TYR B 249 9.10 -5.90 -17.54
C TYR B 249 7.75 -6.56 -17.31
N TYR B 250 7.07 -6.86 -18.42
CA TYR B 250 5.86 -7.69 -18.41
CA TYR B 250 5.85 -7.62 -18.42
C TYR B 250 6.07 -8.74 -19.44
N VAL B 251 5.59 -9.95 -19.16
CA VAL B 251 5.72 -11.03 -20.13
C VAL B 251 4.35 -11.43 -20.62
N GLU B 252 4.30 -11.85 -21.88
CA GLU B 252 3.08 -12.37 -22.46
CA GLU B 252 3.06 -12.38 -22.46
C GLU B 252 2.80 -13.69 -21.74
N ASN B 253 1.57 -13.84 -21.26
CA ASN B 253 1.15 -15.04 -20.49
C ASN B 253 1.82 -15.18 -19.10
N GLY B 254 2.29 -14.06 -18.56
CA GLY B 254 2.87 -14.03 -17.22
C GLY B 254 1.95 -14.52 -16.14
N ALA B 255 0.63 -14.38 -16.34
CA ALA B 255 -0.35 -14.91 -15.38
C ALA B 255 -0.23 -16.45 -15.27
N PHE B 256 0.35 -17.07 -16.30
CA PHE B 256 0.53 -18.52 -16.36
C PHE B 256 1.90 -18.99 -15.87
N SER B 257 2.72 -18.06 -15.36
CA SER B 257 4.03 -18.40 -14.80
C SER B 257 3.96 -19.60 -13.83
N GLY B 258 3.04 -19.54 -12.87
CA GLY B 258 2.89 -20.62 -11.90
C GLY B 258 2.55 -21.97 -12.54
N ALA B 259 1.59 -21.95 -13.46
CA ALA B 259 1.12 -23.19 -14.11
C ALA B 259 2.23 -23.82 -14.96
N ILE B 260 2.94 -22.98 -15.70
CA ILE B 260 4.09 -23.40 -16.50
C ILE B 260 5.22 -23.91 -15.63
N GLY B 261 5.44 -23.25 -14.51
CA GLY B 261 6.50 -23.63 -13.59
C GLY B 261 6.23 -24.97 -12.92
N ALA B 262 4.97 -25.23 -12.58
CA ALA B 262 4.57 -26.54 -11.98
C ALA B 262 4.96 -27.68 -12.93
N LEU B 263 4.67 -27.51 -14.21
CA LEU B 263 5.08 -28.47 -15.25
C LEU B 263 6.58 -28.68 -15.30
N TYR B 264 7.34 -27.58 -15.28
CA TYR B 264 8.81 -27.65 -15.36
C TYR B 264 9.42 -28.31 -14.11
N LEU B 265 8.89 -27.96 -12.92
CA LEU B 265 9.38 -28.54 -11.69
C LEU B 265 9.17 -30.08 -11.62
N GLU B 266 8.10 -30.60 -12.24
CA GLU B 266 7.94 -32.07 -12.37
C GLU B 266 8.79 -32.56 -13.54
#